data_3CKM
#
_entry.id   3CKM
#
_cell.length_a   109.907
_cell.length_b   50.644
_cell.length_c   63.676
_cell.angle_alpha   90.00
_cell.angle_beta   106.73
_cell.angle_gamma   90.00
#
_symmetry.space_group_name_H-M   'C 1 2 1'
#
loop_
_entity.id
_entity.type
_entity.pdbx_description
1 polymer 'YRAM (HI1655)'
2 non-polymer 'SULFATE ION'
3 non-polymer BETA-MERCAPTOETHANOL
4 water water
#
_entity_poly.entity_id   1
_entity_poly.type   'polypeptide(L)'
_entity_poly.pdbx_seq_one_letter_code
;MVSQIGLLLPLSGDGQILGTTIQSGFNDAKGNSTIPVQVFDTS(MSE)NSVQDIIAQAKQAGIKTLVGPLLKQNLDVILA
DPAQIQG(MSE)DVLALNATPNSRAIPQLCYYGLSPEDEAESAANK(MSE)WNDGVRNPLVA(MSE)PQNDLGQRVGNAF
NVRWQQLAGTDANIRYYNLPADVTYFVQENNSNTTALYAVASPTELAE(MSE)KGYLTNIVPNLAIYASSRASASATNTN
TDFIAQ(MSE)NGVQFSDIPFFKDTNSPQYQKLAKSTGGEYQL(MSE)RLYA(MSE)GADAWLLINQFNELRQVPGYRLS
GLTGILSADTNCNVERD(MSE)TWYQYQDGAIVPVVDHHHHHH
;
_entity_poly.pdbx_strand_id   A
#
# COMPACT_ATOMS: atom_id res chain seq x y z
N SER A 3 23.62 -12.76 -9.48
CA SER A 3 24.35 -13.99 -9.06
C SER A 3 23.84 -14.64 -7.75
N GLN A 4 23.64 -13.82 -6.71
CA GLN A 4 23.16 -14.24 -5.39
C GLN A 4 22.35 -13.14 -4.76
N ILE A 5 21.32 -13.49 -4.00
CA ILE A 5 20.49 -12.53 -3.30
C ILE A 5 20.45 -12.85 -1.80
N GLY A 6 20.48 -11.81 -0.96
CA GLY A 6 20.23 -11.96 0.47
C GLY A 6 18.83 -11.37 0.77
N LEU A 7 18.03 -12.14 1.48
CA LEU A 7 16.65 -11.79 1.84
C LEU A 7 16.59 -11.51 3.33
N LEU A 8 16.28 -10.25 3.66
CA LEU A 8 16.24 -9.76 5.03
C LEU A 8 14.82 -9.54 5.51
N LEU A 9 14.35 -10.45 6.35
CA LEU A 9 12.98 -10.42 6.84
C LEU A 9 12.91 -10.87 8.29
N PRO A 10 11.88 -10.39 9.02
CA PRO A 10 11.67 -10.93 10.37
C PRO A 10 10.95 -12.25 10.31
N LEU A 11 11.60 -13.31 10.77
CA LEU A 11 11.09 -14.66 10.54
C LEU A 11 10.83 -15.39 11.85
N SER A 12 10.97 -14.63 12.93
CA SER A 12 10.75 -15.08 14.29
C SER A 12 10.42 -13.85 15.12
N GLY A 13 9.80 -14.04 16.28
CA GLY A 13 9.49 -12.87 17.12
C GLY A 13 8.51 -11.89 16.52
N ASP A 14 8.64 -10.62 16.85
CA ASP A 14 7.66 -9.62 16.44
C ASP A 14 7.95 -9.35 14.96
N GLY A 15 6.93 -9.59 14.16
CA GLY A 15 7.05 -9.41 12.74
C GLY A 15 7.07 -10.71 11.99
N GLN A 16 7.19 -11.82 12.69
CA GLN A 16 7.29 -13.16 12.07
C GLN A 16 6.17 -13.45 11.04
N ILE A 17 4.91 -13.08 11.33
CA ILE A 17 3.85 -13.40 10.35
C ILE A 17 4.05 -12.56 9.09
N LEU A 18 4.58 -11.37 9.26
CA LEU A 18 4.83 -10.47 8.11
C LEU A 18 5.92 -11.07 7.26
N GLY A 19 7.05 -11.38 7.90
CA GLY A 19 8.16 -11.93 7.12
C GLY A 19 7.90 -13.27 6.49
N THR A 20 7.25 -14.18 7.21
CA THR A 20 7.06 -15.52 6.65
C THR A 20 6.03 -15.45 5.50
N THR A 21 5.07 -14.57 5.57
CA THR A 21 4.11 -14.46 4.49
C THR A 21 4.74 -13.81 3.25
N ILE A 22 5.51 -12.75 3.43
CA ILE A 22 6.28 -12.18 2.32
C ILE A 22 7.20 -13.23 1.73
N GLN A 23 7.89 -13.96 2.61
CA GLN A 23 8.82 -14.98 2.11
C GLN A 23 8.12 -16.03 1.23
N SER A 24 6.93 -16.44 1.62
CA SER A 24 6.16 -17.38 0.84
C SER A 24 5.88 -16.86 -0.57
N GLY A 25 5.43 -15.60 -0.67
CA GLY A 25 5.17 -14.99 -1.96
C GLY A 25 6.43 -14.91 -2.79
N PHE A 26 7.52 -14.49 -2.14
CA PHE A 26 8.84 -14.38 -2.80
C PHE A 26 9.29 -15.72 -3.36
N ASN A 27 9.23 -16.74 -2.52
CA ASN A 27 9.69 -18.05 -2.92
C ASN A 27 8.80 -18.65 -3.99
N ASP A 28 7.49 -18.45 -3.93
CA ASP A 28 6.62 -19.01 -4.95
C ASP A 28 6.92 -18.33 -6.29
N ALA A 29 7.12 -17.02 -6.27
CA ALA A 29 7.48 -16.27 -7.48
C ALA A 29 8.83 -16.72 -8.04
N LYS A 30 9.78 -16.94 -7.13
CA LYS A 30 11.15 -17.37 -7.52
C LYS A 30 11.14 -18.70 -8.25
N GLY A 31 10.22 -19.57 -7.88
CA GLY A 31 10.01 -20.84 -8.60
C GLY A 31 11.30 -21.60 -8.64
N ASN A 32 11.65 -21.97 -9.88
CA ASN A 32 12.82 -22.81 -10.17
C ASN A 32 14.11 -22.01 -10.46
N SER A 33 14.17 -20.77 -10.01
CA SER A 33 15.29 -19.93 -10.29
C SER A 33 16.57 -20.58 -9.84
N THR A 34 17.60 -20.40 -10.67
CA THR A 34 18.95 -20.84 -10.27
C THR A 34 19.74 -19.83 -9.42
N ILE A 35 19.14 -18.68 -9.15
CA ILE A 35 19.78 -17.66 -8.35
C ILE A 35 19.69 -18.08 -6.88
N PRO A 36 20.84 -18.29 -6.21
CA PRO A 36 20.75 -18.64 -4.80
C PRO A 36 20.30 -17.47 -3.95
N VAL A 37 19.47 -17.76 -2.97
CA VAL A 37 18.97 -16.77 -2.02
C VAL A 37 19.34 -17.22 -0.62
N GLN A 38 20.13 -16.41 0.07
CA GLN A 38 20.42 -16.64 1.48
C GLN A 38 19.46 -15.82 2.31
N VAL A 39 18.82 -16.48 3.28
CA VAL A 39 17.87 -15.84 4.14
C VAL A 39 18.50 -15.40 5.45
N PHE A 40 18.23 -14.14 5.82
CA PHE A 40 18.68 -13.54 7.07
C PHE A 40 17.51 -13.07 7.88
N ASP A 41 17.28 -13.74 9.02
CA ASP A 41 16.22 -13.39 9.93
C ASP A 41 16.61 -12.17 10.71
N THR A 42 15.98 -11.05 10.42
CA THR A 42 16.33 -9.77 11.10
C THR A 42 15.87 -9.71 12.57
N SER A 43 15.14 -10.72 13.03
CA SER A 43 14.82 -10.81 14.45
C SER A 43 15.90 -11.55 15.21
N ASN A 45 19.52 -11.27 14.28
CA ASN A 45 20.80 -10.60 14.09
C ASN A 45 20.51 -9.15 13.77
N SER A 46 21.44 -8.28 14.09
CA SER A 46 21.33 -6.88 13.71
C SER A 46 21.48 -6.69 12.21
N VAL A 47 20.86 -5.64 11.69
CA VAL A 47 21.03 -5.27 10.28
C VAL A 47 22.50 -5.09 9.91
N GLN A 48 23.23 -4.38 10.75
CA GLN A 48 24.65 -4.17 10.51
C GLN A 48 25.42 -5.50 10.38
N ASP A 49 25.14 -6.44 11.26
CA ASP A 49 25.85 -7.71 11.21
C ASP A 49 25.42 -8.55 9.99
N ILE A 50 24.16 -8.49 9.65
CA ILE A 50 23.66 -9.19 8.48
C ILE A 50 24.35 -8.68 7.20
N ILE A 51 24.46 -7.37 7.07
CA ILE A 51 25.08 -6.81 5.86
C ILE A 51 26.53 -7.30 5.78
N ALA A 52 27.22 -7.37 6.92
CA ALA A 52 28.60 -7.83 6.96
C ALA A 52 28.70 -9.29 6.53
N GLN A 53 27.78 -10.12 7.04
CA GLN A 53 27.72 -11.52 6.63
C GLN A 53 27.48 -11.64 5.17
N ALA A 54 26.54 -10.85 4.65
CA ALA A 54 26.18 -10.93 3.23
C ALA A 54 27.38 -10.61 2.35
N LYS A 55 28.01 -9.49 2.65
CA LYS A 55 29.19 -9.06 1.92
C LYS A 55 30.23 -10.17 1.88
N GLN A 56 30.50 -10.78 3.02
CA GLN A 56 31.61 -11.74 3.11
C GLN A 56 31.24 -13.07 2.42
N ALA A 57 29.95 -13.28 2.17
CA ALA A 57 29.45 -14.41 1.41
C ALA A 57 29.48 -14.13 -0.10
N GLY A 58 29.83 -12.93 -0.47
CA GLY A 58 29.87 -12.55 -1.88
C GLY A 58 28.55 -12.06 -2.43
N ILE A 59 27.62 -11.76 -1.53
CA ILE A 59 26.32 -11.28 -1.94
C ILE A 59 26.31 -9.78 -2.21
N LYS A 60 25.82 -9.40 -3.39
CA LYS A 60 25.81 -8.00 -3.81
C LYS A 60 24.42 -7.42 -4.03
N THR A 61 23.40 -8.22 -3.75
CA THR A 61 22.03 -7.83 -3.95
C THR A 61 21.20 -8.25 -2.73
N LEU A 62 20.48 -7.30 -2.14
CA LEU A 62 19.63 -7.56 -0.96
C LEU A 62 18.20 -7.17 -1.25
N VAL A 63 17.28 -7.95 -0.69
CA VAL A 63 15.85 -7.66 -0.65
C VAL A 63 15.49 -7.57 0.82
N GLY A 64 14.96 -6.41 1.23
CA GLY A 64 14.72 -6.09 2.64
C GLY A 64 15.72 -5.07 3.09
N PRO A 65 15.67 -4.71 4.39
CA PRO A 65 14.81 -5.21 5.45
C PRO A 65 13.40 -4.62 5.38
N LEU A 66 12.54 -5.10 6.27
CA LEU A 66 11.12 -4.78 6.30
C LEU A 66 10.72 -3.73 7.36
N LEU A 67 11.15 -3.89 8.59
CA LEU A 67 10.62 -3.05 9.67
C LEU A 67 11.29 -1.68 9.60
N LYS A 68 10.52 -0.66 10.00
CA LYS A 68 10.99 0.72 9.95
C LYS A 68 12.30 0.90 10.72
N GLN A 69 12.36 0.30 11.90
CA GLN A 69 13.55 0.41 12.75
C GLN A 69 14.78 -0.21 12.06
N ASN A 70 14.58 -1.20 11.20
CA ASN A 70 15.66 -1.82 10.48
C ASN A 70 16.15 -0.92 9.36
N LEU A 71 15.21 -0.37 8.63
CA LEU A 71 15.59 0.56 7.57
C LEU A 71 16.34 1.78 8.18
N ASP A 72 15.92 2.21 9.36
CA ASP A 72 16.55 3.35 10.07
C ASP A 72 18.07 3.18 10.16
N VAL A 73 18.51 1.94 10.39
CA VAL A 73 19.94 1.60 10.49
C VAL A 73 20.70 1.92 9.20
N ILE A 74 20.14 1.50 8.08
CA ILE A 74 20.75 1.79 6.78
C ILE A 74 20.72 3.29 6.49
N LEU A 75 19.60 3.93 6.82
CA LEU A 75 19.44 5.39 6.55
C LEU A 75 20.38 6.22 7.42
N ALA A 76 20.76 5.67 8.56
CA ALA A 76 21.68 6.36 9.49
C ALA A 76 23.14 6.22 9.05
N ASP A 77 23.46 5.11 8.37
CA ASP A 77 24.82 4.84 7.81
C ASP A 77 24.75 4.16 6.46
N PRO A 78 24.37 4.91 5.42
CA PRO A 78 24.23 4.27 4.10
C PRO A 78 25.54 3.79 3.48
N ALA A 79 26.69 4.19 4.00
CA ALA A 79 27.95 3.70 3.39
C ALA A 79 28.13 2.18 3.45
N GLN A 80 27.51 1.54 4.42
CA GLN A 80 27.69 0.10 4.59
C GLN A 80 27.12 -0.71 3.41
N ILE A 81 26.20 -0.13 2.65
CA ILE A 81 25.71 -0.89 1.46
C ILE A 81 26.33 -0.43 0.12
N GLN A 82 27.38 0.40 0.21
CA GLN A 82 28.10 0.76 -1.01
C GLN A 82 28.44 -0.49 -1.78
N GLY A 83 28.26 -0.46 -3.09
CA GLY A 83 28.65 -1.60 -3.94
C GLY A 83 27.58 -2.69 -4.05
N ASP A 85 23.24 -3.65 -4.56
CA ASP A 85 21.90 -3.26 -4.94
C ASP A 85 20.93 -3.68 -3.85
N VAL A 86 20.15 -2.75 -3.31
CA VAL A 86 19.28 -3.05 -2.17
C VAL A 86 17.86 -2.59 -2.45
N LEU A 87 16.91 -3.52 -2.41
CA LEU A 87 15.50 -3.20 -2.47
C LEU A 87 14.96 -3.28 -1.08
N ALA A 88 14.94 -2.14 -0.37
CA ALA A 88 14.34 -2.10 0.97
C ALA A 88 12.86 -2.36 0.85
N LEU A 89 12.28 -2.98 1.88
CA LEU A 89 10.84 -3.29 1.87
C LEU A 89 10.06 -2.41 2.84
N ASN A 90 10.52 -1.17 2.89
N ASN A 90 10.53 -1.18 2.96
CA ASN A 90 9.88 -0.12 3.65
CA ASN A 90 9.78 -0.14 3.63
C ASN A 90 10.15 1.21 3.02
C ASN A 90 10.13 1.19 3.04
N ALA A 91 9.39 2.21 3.44
CA ALA A 91 9.59 3.57 2.90
C ALA A 91 9.12 4.57 3.91
N THR A 92 9.55 5.90 3.51
CA THR A 92 9.17 7.11 4.22
C THR A 92 8.79 8.17 3.20
N PRO A 93 7.68 8.86 3.43
CA PRO A 93 7.18 9.86 2.49
C PRO A 93 8.23 10.90 2.10
N ASN A 94 9.15 11.20 3.02
CA ASN A 94 10.19 12.18 2.75
C ASN A 94 11.56 11.66 3.13
N SER A 95 12.18 10.92 2.21
CA SER A 95 13.50 10.36 2.44
C SER A 95 14.44 10.74 1.30
N ARG A 96 15.71 10.49 1.46
CA ARG A 96 16.73 10.96 0.50
C ARG A 96 17.07 9.89 -0.57
N ALA A 97 17.78 10.37 -1.58
CA ALA A 97 18.27 9.53 -2.67
C ALA A 97 19.63 8.96 -2.31
N ILE A 98 19.72 7.64 -2.35
CA ILE A 98 20.91 6.89 -2.04
C ILE A 98 21.16 5.97 -3.21
N PRO A 99 22.32 6.06 -3.86
CA PRO A 99 22.50 5.26 -5.07
C PRO A 99 22.33 3.76 -4.83
N GLN A 100 21.75 3.06 -5.79
CA GLN A 100 21.55 1.60 -5.61
C GLN A 100 20.71 1.18 -4.39
N LEU A 101 20.00 2.11 -3.79
CA LEU A 101 18.89 1.81 -2.85
C LEU A 101 17.55 2.17 -3.49
N CYS A 102 16.63 1.20 -3.58
CA CYS A 102 15.26 1.48 -3.94
C CYS A 102 14.35 1.03 -2.79
N TYR A 103 13.17 1.62 -2.73
CA TYR A 103 12.23 1.39 -1.63
C TYR A 103 10.91 0.85 -2.14
N TYR A 104 10.47 -0.27 -1.57
CA TYR A 104 9.17 -0.88 -1.96
C TYR A 104 8.38 -1.21 -0.73
N GLY A 105 7.47 -0.29 -0.46
CA GLY A 105 6.48 -0.46 0.61
C GLY A 105 5.09 -0.60 -0.04
N LEU A 106 4.17 -1.36 0.52
CA LEU A 106 2.81 -1.12 0.19
C LEU A 106 2.35 -0.03 1.07
N SER A 107 2.42 1.18 0.60
CA SER A 107 2.11 2.24 1.52
C SER A 107 0.71 2.75 1.27
N PRO A 108 0.12 3.33 2.31
CA PRO A 108 -1.17 4.02 2.13
C PRO A 108 -1.01 5.31 1.36
N GLU A 109 0.19 5.90 1.34
CA GLU A 109 0.42 7.06 0.50
C GLU A 109 0.16 6.71 -0.98
N ASP A 110 0.62 5.52 -1.40
CA ASP A 110 0.39 5.02 -2.76
C ASP A 110 -1.07 5.10 -3.11
N GLU A 111 -1.86 4.61 -2.16
CA GLU A 111 -3.30 4.52 -2.37
C GLU A 111 -3.93 5.91 -2.42
N ALA A 112 -3.45 6.83 -1.59
CA ALA A 112 -3.99 8.21 -1.64
C ALA A 112 -3.72 8.90 -2.97
N GLU A 113 -2.52 8.69 -3.52
CA GLU A 113 -2.19 9.24 -4.79
C GLU A 113 -3.12 8.68 -5.88
N SER A 114 -3.37 7.36 -5.83
N SER A 114 -3.40 7.38 -5.82
CA SER A 114 -4.32 6.69 -6.73
CA SER A 114 -4.30 6.76 -6.77
C SER A 114 -5.72 7.27 -6.62
C SER A 114 -5.72 7.31 -6.63
N ALA A 115 -6.14 7.58 -5.39
CA ALA A 115 -7.46 8.16 -5.18
C ALA A 115 -7.57 9.56 -5.79
N ALA A 116 -6.51 10.35 -5.65
CA ALA A 116 -6.52 11.68 -6.28
C ALA A 116 -6.68 11.53 -7.80
N ASN A 117 -5.90 10.64 -8.39
CA ASN A 117 -5.99 10.38 -9.83
C ASN A 117 -7.39 9.95 -10.23
N LYS A 118 -7.91 8.96 -9.52
CA LYS A 118 -9.25 8.40 -9.82
C LYS A 118 -10.34 9.46 -9.74
N TRP A 120 -10.10 12.76 -9.72
CA TRP A 120 -9.93 13.78 -10.75
C TRP A 120 -10.46 13.29 -12.12
N ASN A 121 -10.11 12.05 -12.50
CA ASN A 121 -10.59 11.46 -13.78
C ASN A 121 -12.09 11.30 -13.82
N ASP A 122 -12.71 11.08 -12.64
CA ASP A 122 -14.14 10.86 -12.54
C ASP A 122 -14.91 12.17 -12.56
N GLY A 123 -14.19 13.29 -12.60
CA GLY A 123 -14.79 14.62 -12.66
C GLY A 123 -14.99 15.29 -11.32
N VAL A 124 -14.49 14.65 -10.25
CA VAL A 124 -14.63 15.28 -8.91
C VAL A 124 -13.88 16.58 -8.82
N ARG A 125 -14.52 17.61 -8.23
CA ARG A 125 -13.82 18.83 -7.93
C ARG A 125 -14.11 19.15 -6.45
N ASN A 126 -13.17 19.85 -5.82
CA ASN A 126 -13.25 20.23 -4.40
C ASN A 126 -13.51 19.05 -3.47
N PRO A 127 -12.73 17.97 -3.57
CA PRO A 127 -12.96 16.82 -2.73
C PRO A 127 -12.74 17.14 -1.25
N LEU A 128 -13.55 16.54 -0.40
CA LEU A 128 -13.29 16.51 1.03
C LEU A 128 -12.44 15.29 1.30
N VAL A 129 -11.32 15.48 1.99
CA VAL A 129 -10.38 14.41 2.31
C VAL A 129 -10.30 14.26 3.83
N ALA A 130 -10.84 13.16 4.35
CA ALA A 130 -10.99 12.95 5.78
C ALA A 130 -10.00 11.93 6.26
N PRO A 132 -7.51 10.32 9.52
CA PRO A 132 -7.46 10.25 10.99
C PRO A 132 -6.49 11.29 11.54
N GLN A 133 -6.83 11.82 12.71
CA GLN A 133 -5.96 12.81 13.35
C GLN A 133 -4.80 12.15 14.08
N ASN A 134 -3.82 11.76 13.29
CA ASN A 134 -2.58 11.16 13.78
C ASN A 134 -1.49 11.30 12.72
N ASP A 135 -0.28 10.87 13.06
CA ASP A 135 0.83 11.08 12.12
C ASP A 135 0.61 10.40 10.76
N LEU A 136 0.04 9.22 10.79
CA LEU A 136 -0.21 8.52 9.55
C LEU A 136 -1.20 9.31 8.72
N GLY A 137 -2.27 9.81 9.34
CA GLY A 137 -3.24 10.60 8.60
C GLY A 137 -2.64 11.82 7.95
N GLN A 138 -1.72 12.45 8.68
CA GLN A 138 -1.04 13.60 8.14
C GLN A 138 -0.23 13.20 6.90
N ARG A 139 0.49 12.10 7.01
CA ARG A 139 1.35 11.62 5.89
C ARG A 139 0.55 11.23 4.66
N VAL A 140 -0.54 10.54 4.92
CA VAL A 140 -1.41 10.11 3.80
C VAL A 140 -2.14 11.30 3.18
N GLY A 141 -2.64 12.21 4.02
CA GLY A 141 -3.27 13.41 3.51
C GLY A 141 -2.34 14.24 2.64
N ASN A 142 -1.08 14.36 3.09
CA ASN A 142 -0.08 15.09 2.32
C ASN A 142 0.13 14.48 0.95
N ALA A 143 0.18 13.15 0.91
CA ALA A 143 0.33 12.43 -0.36
C ALA A 143 -0.83 12.75 -1.31
N PHE A 144 -2.05 12.74 -0.77
CA PHE A 144 -3.20 13.09 -1.55
C PHE A 144 -3.04 14.52 -2.07
N ASN A 145 -2.71 15.43 -1.15
CA ASN A 145 -2.67 16.84 -1.49
C ASN A 145 -1.64 17.13 -2.60
N VAL A 146 -0.45 16.54 -2.46
CA VAL A 146 0.60 16.80 -3.43
C VAL A 146 0.11 16.36 -4.83
N ARG A 147 -0.56 15.21 -4.90
N ARG A 147 -0.56 15.22 -4.91
CA ARG A 147 -1.07 14.74 -6.19
CA ARG A 147 -1.07 14.75 -6.20
C ARG A 147 -2.20 15.65 -6.70
C ARG A 147 -2.20 15.65 -6.70
N TRP A 148 -3.09 16.06 -5.79
CA TRP A 148 -4.17 16.88 -6.19
C TRP A 148 -3.66 18.23 -6.75
N GLN A 149 -2.64 18.76 -6.09
CA GLN A 149 -2.03 20.01 -6.55
C GLN A 149 -1.55 19.87 -8.00
N GLN A 150 -0.96 18.73 -8.31
CA GLN A 150 -0.50 18.45 -9.69
C GLN A 150 -1.64 18.35 -10.70
N LEU A 151 -2.72 17.68 -10.31
CA LEU A 151 -3.88 17.46 -11.21
C LEU A 151 -4.79 18.65 -11.41
N ALA A 152 -5.12 19.25 -10.27
CA ALA A 152 -6.14 20.32 -10.19
C ALA A 152 -5.57 21.75 -10.16
N GLY A 153 -4.28 21.85 -9.81
CA GLY A 153 -3.65 23.16 -9.71
C GLY A 153 -4.06 23.92 -8.46
N THR A 154 -4.64 23.24 -7.48
CA THR A 154 -5.04 23.85 -6.23
C THR A 154 -4.95 22.82 -5.10
N ASP A 155 -4.98 23.28 -3.84
CA ASP A 155 -4.90 22.37 -2.72
C ASP A 155 -6.21 21.59 -2.56
N ALA A 156 -6.08 20.40 -1.98
CA ALA A 156 -7.21 19.60 -1.51
C ALA A 156 -7.63 20.02 -0.09
N ASN A 157 -8.91 19.82 0.18
CA ASN A 157 -9.51 20.11 1.49
C ASN A 157 -9.30 18.95 2.44
N ILE A 158 -8.14 18.91 3.07
CA ILE A 158 -7.78 17.91 4.04
C ILE A 158 -8.25 18.29 5.43
N ARG A 159 -9.01 17.38 6.01
CA ARG A 159 -9.52 17.52 7.36
C ARG A 159 -9.18 16.27 8.17
N TYR A 160 -9.13 16.45 9.48
CA TYR A 160 -8.69 15.37 10.38
C TYR A 160 -9.77 15.01 11.38
N TYR A 161 -10.25 13.79 11.35
CA TYR A 161 -11.33 13.35 12.23
C TYR A 161 -10.75 12.63 13.42
N ASN A 162 -11.46 12.82 14.53
CA ASN A 162 -11.27 11.99 15.73
C ASN A 162 -12.36 10.93 15.83
N LEU A 163 -13.58 11.33 15.60
CA LEU A 163 -14.72 10.42 15.55
C LEU A 163 -15.35 10.45 14.19
N PRO A 164 -15.89 9.33 13.74
CA PRO A 164 -16.52 9.34 12.43
C PRO A 164 -17.58 10.43 12.26
N ALA A 165 -18.30 10.85 13.29
CA ALA A 165 -19.28 11.92 13.11
C ALA A 165 -18.64 13.25 12.69
N ASP A 166 -17.34 13.43 12.96
CA ASP A 166 -16.67 14.65 12.58
CA ASP A 166 -16.61 14.63 12.55
C ASP A 166 -16.76 14.85 11.06
N VAL A 167 -16.82 13.78 10.30
CA VAL A 167 -16.83 13.96 8.85
C VAL A 167 -18.11 14.68 8.42
N THR A 168 -19.23 14.41 9.08
CA THR A 168 -20.46 15.13 8.76
C THR A 168 -20.32 16.61 9.15
N TYR A 169 -19.58 16.88 10.22
CA TYR A 169 -19.35 18.30 10.54
C TYR A 169 -18.57 19.01 9.46
N PHE A 170 -17.58 18.32 8.90
CA PHE A 170 -16.76 18.90 7.85
C PHE A 170 -17.63 19.32 6.68
N VAL A 171 -18.56 18.46 6.30
CA VAL A 171 -19.46 18.75 5.17
C VAL A 171 -20.34 19.97 5.53
N GLN A 172 -20.84 20.00 6.75
CA GLN A 172 -21.77 21.09 7.16
C GLN A 172 -21.06 22.45 7.28
N GLU A 173 -19.78 22.42 7.62
CA GLU A 173 -18.96 23.62 7.75
C GLU A 173 -18.47 24.20 6.42
N ASN A 174 -18.63 23.42 5.36
CA ASN A 174 -18.21 23.91 4.06
C ASN A 174 -19.41 24.44 3.26
N ASN A 175 -19.19 25.11 2.14
CA ASN A 175 -20.30 25.58 1.34
C ASN A 175 -21.13 24.34 1.03
N SER A 176 -22.20 24.52 0.26
CA SER A 176 -23.11 23.42 -0.11
C SER A 176 -22.57 22.64 -1.30
N ASN A 177 -21.21 22.70 -1.50
CA ASN A 177 -20.89 21.94 -2.75
C ASN A 177 -19.78 20.91 -2.58
N THR A 178 -19.80 20.25 -1.42
CA THR A 178 -19.06 18.97 -1.24
C THR A 178 -19.81 17.88 -2.03
N THR A 179 -19.16 17.33 -3.03
CA THR A 179 -19.76 16.33 -3.88
C THR A 179 -19.11 14.94 -3.72
N ALA A 180 -17.92 14.91 -3.13
CA ALA A 180 -17.18 13.65 -2.99
C ALA A 180 -16.26 13.68 -1.80
N LEU A 181 -16.01 12.51 -1.26
CA LEU A 181 -15.22 12.29 -0.08
C LEU A 181 -14.19 11.21 -0.32
N TYR A 182 -12.94 11.48 0.07
CA TYR A 182 -11.94 10.42 0.23
C TYR A 182 -11.73 10.23 1.72
N ALA A 183 -11.95 9.02 2.23
CA ALA A 183 -11.78 8.74 3.64
C ALA A 183 -10.85 7.59 3.82
N VAL A 184 -9.96 7.70 4.80
CA VAL A 184 -9.14 6.61 5.26
C VAL A 184 -9.60 6.23 6.65
N ALA A 185 -10.11 5.02 6.78
CA ALA A 185 -10.74 4.54 8.00
C ALA A 185 -10.90 3.02 7.97
N SER A 186 -11.16 2.42 9.13
CA SER A 186 -11.49 1.02 9.18
C SER A 186 -12.84 0.77 8.51
N PRO A 187 -13.13 -0.51 8.20
CA PRO A 187 -14.41 -0.78 7.54
C PRO A 187 -15.62 -0.29 8.36
N THR A 188 -15.66 -0.60 9.63
N THR A 188 -15.61 -0.61 9.65
CA THR A 188 -16.82 -0.19 10.41
CA THR A 188 -16.71 -0.25 10.54
C THR A 188 -16.83 1.34 10.53
C THR A 188 -16.80 1.27 10.69
N GLU A 189 -15.67 1.96 10.72
CA GLU A 189 -15.64 3.44 10.80
CA GLU A 189 -15.68 3.43 10.83
C GLU A 189 -16.21 4.06 9.56
N LEU A 190 -15.82 3.52 8.43
CA LEU A 190 -16.33 4.02 7.19
C LEU A 190 -17.85 3.85 7.12
N ALA A 191 -18.34 2.68 7.51
CA ALA A 191 -19.77 2.43 7.56
C ALA A 191 -20.47 3.43 8.52
N GLU A 192 -19.87 3.70 9.69
CA GLU A 192 -20.39 4.69 10.67
CA GLU A 192 -20.43 4.68 10.64
C GLU A 192 -20.49 6.07 9.99
N LYS A 194 -20.57 6.87 6.79
CA LYS A 194 -21.53 6.91 5.68
C LYS A 194 -22.98 7.00 6.19
N GLY A 195 -23.26 6.27 7.25
CA GLY A 195 -24.59 6.29 7.86
C GLY A 195 -24.94 7.67 8.38
N TYR A 196 -23.99 8.35 9.01
CA TYR A 196 -24.23 9.77 9.41
C TYR A 196 -24.44 10.72 8.21
N LEU A 197 -23.72 10.50 7.13
CA LEU A 197 -23.76 11.38 5.99
C LEU A 197 -25.05 11.25 5.19
N THR A 198 -25.73 10.12 5.33
CA THR A 198 -26.99 9.85 4.62
C THR A 198 -28.03 10.97 4.75
N ASN A 199 -28.17 11.49 5.97
CA ASN A 199 -29.11 12.54 6.36
C ASN A 199 -28.69 13.96 5.92
N ILE A 200 -27.47 14.05 5.38
CA ILE A 200 -26.79 15.32 5.07
C ILE A 200 -26.47 15.54 3.59
N VAL A 201 -25.84 14.54 2.97
CA VAL A 201 -25.49 14.50 1.58
C VAL A 201 -25.69 13.05 1.07
N PRO A 202 -26.94 12.62 0.90
CA PRO A 202 -27.17 11.21 0.58
C PRO A 202 -26.61 10.66 -0.79
N ASN A 203 -26.15 11.55 -1.64
CA ASN A 203 -25.60 11.20 -2.94
C ASN A 203 -24.10 11.49 -3.05
N LEU A 204 -23.46 11.67 -1.91
CA LEU A 204 -22.03 11.85 -1.84
C LEU A 204 -21.33 10.69 -2.54
N ALA A 205 -20.35 11.00 -3.38
CA ALA A 205 -19.48 9.99 -3.95
C ALA A 205 -18.36 9.66 -2.99
N ILE A 206 -18.35 8.45 -2.44
CA ILE A 206 -17.41 8.09 -1.38
C ILE A 206 -16.35 7.16 -1.97
N TYR A 207 -15.10 7.54 -1.71
CA TYR A 207 -13.91 6.79 -2.07
C TYR A 207 -13.12 6.46 -0.83
N ALA A 208 -12.51 5.27 -0.79
CA ALA A 208 -11.78 4.84 0.39
C ALA A 208 -10.57 4.00 -0.04
N SER A 209 -9.71 3.70 0.93
CA SER A 209 -8.56 2.86 0.66
C SER A 209 -8.82 1.40 0.98
N SER A 210 -7.80 0.55 0.78
CA SER A 210 -7.97 -0.85 1.00
C SER A 210 -8.24 -1.19 2.45
N ARG A 211 -7.98 -0.23 3.33
CA ARG A 211 -8.24 -0.45 4.76
C ARG A 211 -9.73 -0.66 4.97
N ALA A 212 -10.56 -0.18 4.03
CA ALA A 212 -12.02 -0.33 4.17
C ALA A 212 -12.52 -1.75 3.81
N SER A 213 -11.63 -2.55 3.19
CA SER A 213 -11.94 -3.88 2.71
C SER A 213 -11.22 -4.97 3.54
N ALA A 214 -12.02 -5.69 4.31
CA ALA A 214 -11.55 -6.71 5.24
C ALA A 214 -12.48 -7.89 5.16
N SER A 215 -11.94 -9.06 5.46
CA SER A 215 -12.70 -10.30 5.30
CA SER A 215 -12.69 -10.31 5.31
C SER A 215 -13.99 -10.33 6.13
N ALA A 216 -13.90 -9.97 7.40
CA ALA A 216 -15.06 -10.13 8.31
C ALA A 216 -16.26 -9.30 7.87
N THR A 217 -15.99 -8.09 7.41
CA THR A 217 -17.09 -7.20 6.99
C THR A 217 -17.53 -7.47 5.54
N ASN A 218 -16.60 -7.89 4.69
CA ASN A 218 -16.99 -8.13 3.32
C ASN A 218 -17.86 -9.38 3.14
N THR A 219 -17.93 -10.23 4.14
CA THR A 219 -18.84 -11.40 4.08
C THR A 219 -20.14 -11.14 4.88
N ASN A 220 -20.32 -9.89 5.29
CA ASN A 220 -21.52 -9.47 6.00
C ASN A 220 -22.51 -8.74 5.08
N THR A 221 -23.67 -9.34 4.85
CA THR A 221 -24.66 -8.79 3.92
C THR A 221 -25.09 -7.37 4.30
N ASP A 222 -25.34 -7.14 5.57
CA ASP A 222 -25.76 -5.82 6.04
C ASP A 222 -24.69 -4.77 5.77
N PHE A 223 -23.44 -5.14 6.01
CA PHE A 223 -22.32 -4.24 5.72
C PHE A 223 -22.27 -3.87 4.24
N ILE A 224 -22.35 -4.87 3.40
CA ILE A 224 -22.25 -4.62 1.97
C ILE A 224 -23.37 -3.68 1.53
N ALA A 225 -24.55 -3.85 2.12
CA ALA A 225 -25.68 -2.99 1.80
C ALA A 225 -25.47 -1.56 2.24
N GLN A 226 -25.02 -1.40 3.48
CA GLN A 226 -24.68 -0.10 4.01
C GLN A 226 -23.67 0.62 3.12
N ASN A 228 -23.14 0.28 -0.12
CA ASN A 228 -23.48 0.34 -1.51
C ASN A 228 -23.02 1.66 -2.14
N GLY A 229 -22.29 1.57 -3.25
CA GLY A 229 -21.80 2.74 -3.97
C GLY A 229 -20.36 3.16 -3.65
N VAL A 230 -19.87 2.76 -2.48
CA VAL A 230 -18.53 3.11 -2.05
C VAL A 230 -17.53 2.45 -2.98
N GLN A 231 -16.55 3.22 -3.43
CA GLN A 231 -15.45 2.69 -4.23
C GLN A 231 -14.19 2.68 -3.37
N PHE A 232 -13.34 1.68 -3.55
CA PHE A 232 -12.09 1.64 -2.81
C PHE A 232 -10.99 1.01 -3.66
N SER A 233 -9.77 1.38 -3.29
CA SER A 233 -8.58 0.86 -3.97
C SER A 233 -8.09 -0.40 -3.30
N ASP A 234 -7.58 -1.32 -4.11
CA ASP A 234 -6.87 -2.49 -3.58
C ASP A 234 -5.95 -3.03 -4.69
N ILE A 235 -5.24 -4.09 -4.34
CA ILE A 235 -4.29 -4.65 -5.29
C ILE A 235 -5.05 -5.44 -6.36
N PRO A 236 -4.48 -5.52 -7.56
CA PRO A 236 -5.14 -6.20 -8.68
C PRO A 236 -5.22 -7.71 -8.48
N PHE A 237 -4.42 -8.23 -7.56
CA PHE A 237 -4.51 -9.65 -7.20
C PHE A 237 -5.95 -10.10 -6.89
N PHE A 238 -6.77 -9.21 -6.34
CA PHE A 238 -8.10 -9.62 -5.90
C PHE A 238 -9.15 -9.58 -7.02
N LYS A 239 -8.77 -9.27 -8.26
CA LYS A 239 -9.74 -9.19 -9.36
C LYS A 239 -10.44 -10.52 -9.61
N ASP A 240 -9.65 -11.57 -9.59
CA ASP A 240 -10.10 -12.92 -9.94
C ASP A 240 -9.78 -13.87 -8.81
N THR A 241 -10.80 -14.31 -8.09
CA THR A 241 -10.63 -15.10 -6.87
C THR A 241 -11.10 -16.54 -7.03
N ASN A 242 -11.36 -16.96 -8.27
CA ASN A 242 -11.97 -18.29 -8.53
C ASN A 242 -10.99 -19.45 -8.65
N SER A 243 -9.73 -19.15 -8.93
CA SER A 243 -8.76 -20.22 -9.22
C SER A 243 -8.42 -21.07 -8.00
N PRO A 244 -8.04 -22.34 -8.25
CA PRO A 244 -7.58 -23.18 -7.13
C PRO A 244 -6.41 -22.56 -6.38
N GLN A 245 -5.55 -21.81 -7.08
CA GLN A 245 -4.39 -21.25 -6.43
C GLN A 245 -4.81 -20.15 -5.46
N TYR A 246 -5.75 -19.33 -5.91
CA TYR A 246 -6.27 -18.29 -5.03
C TYR A 246 -6.97 -18.92 -3.84
N GLN A 247 -7.84 -19.88 -4.10
CA GLN A 247 -8.58 -20.54 -3.01
C GLN A 247 -7.66 -21.21 -1.96
N LYS A 248 -6.57 -21.80 -2.42
CA LYS A 248 -5.61 -22.41 -1.52
C LYS A 248 -4.90 -21.37 -0.65
N LEU A 249 -4.52 -20.24 -1.25
CA LEU A 249 -3.92 -19.13 -0.47
C LEU A 249 -4.92 -18.57 0.54
N ALA A 250 -6.15 -18.40 0.08
CA ALA A 250 -7.21 -17.89 0.99
C ALA A 250 -7.41 -18.83 2.16
N LYS A 251 -7.36 -20.13 1.91
CA LYS A 251 -7.49 -21.09 3.02
C LYS A 251 -6.29 -21.01 3.96
N SER A 252 -5.07 -20.92 3.41
CA SER A 252 -3.85 -20.90 4.22
C SER A 252 -3.77 -19.64 5.10
N THR A 253 -4.37 -18.54 4.64
CA THR A 253 -4.30 -17.26 5.35
C THR A 253 -5.54 -17.02 6.21
N GLY A 254 -6.39 -18.02 6.31
CA GLY A 254 -7.61 -17.80 7.06
C GLY A 254 -8.50 -16.73 6.46
N GLY A 255 -8.35 -16.47 5.17
CA GLY A 255 -9.20 -15.52 4.49
C GLY A 255 -8.78 -14.07 4.72
N GLU A 256 -7.66 -13.86 5.39
CA GLU A 256 -7.24 -12.51 5.80
C GLU A 256 -6.59 -11.78 4.64
N TYR A 257 -7.26 -10.72 4.21
CA TYR A 257 -6.75 -9.94 3.10
C TYR A 257 -5.41 -9.32 3.41
N GLN A 258 -5.17 -8.88 4.65
CA GLN A 258 -3.89 -8.27 4.96
C GLN A 258 -2.74 -9.26 4.71
N LEU A 259 -2.96 -10.52 5.03
CA LEU A 259 -1.89 -11.52 4.78
C LEU A 259 -1.73 -11.78 3.28
N ARG A 261 -2.22 -9.66 0.92
CA ARG A 261 -1.51 -8.52 0.36
C ARG A 261 0.02 -8.67 0.58
N LEU A 262 0.39 -9.18 1.77
CA LEU A 262 1.81 -9.39 2.08
C LEU A 262 2.42 -10.49 1.18
N TYR A 263 1.65 -11.53 0.95
CA TYR A 263 2.04 -12.59 0.00
C TYR A 263 2.35 -11.95 -1.38
N ALA A 264 1.39 -11.15 -1.86
CA ALA A 264 1.55 -10.48 -3.14
C ALA A 264 2.80 -9.57 -3.15
N GLY A 266 5.54 -10.04 -1.51
CA GLY A 266 6.72 -10.88 -1.71
C GLY A 266 6.93 -11.28 -3.15
N ALA A 267 5.85 -11.65 -3.79
CA ALA A 267 5.90 -11.97 -5.21
C ALA A 267 6.45 -10.77 -6.02
N ASP A 268 5.93 -9.57 -5.78
CA ASP A 268 6.40 -8.42 -6.54
C ASP A 268 7.83 -8.04 -6.17
N ALA A 269 8.30 -8.35 -4.97
CA ALA A 269 9.68 -8.08 -4.62
C ALA A 269 10.60 -8.91 -5.49
N TRP A 270 10.22 -10.14 -5.82
CA TRP A 270 11.01 -10.98 -6.74
C TRP A 270 11.03 -10.34 -8.12
N LEU A 271 9.87 -9.91 -8.60
CA LEU A 271 9.77 -9.22 -9.89
C LEU A 271 10.71 -8.04 -9.92
N LEU A 272 10.61 -7.18 -8.90
CA LEU A 272 11.37 -5.95 -8.86
C LEU A 272 12.87 -6.18 -8.75
N ILE A 273 13.29 -7.12 -7.92
CA ILE A 273 14.75 -7.23 -7.68
C ILE A 273 15.42 -7.67 -8.97
N ASN A 274 14.72 -8.48 -9.77
CA ASN A 274 15.32 -8.94 -11.04
C ASN A 274 15.36 -7.88 -12.10
N GLN A 275 14.54 -6.86 -11.96
CA GLN A 275 14.57 -5.69 -12.86
C GLN A 275 15.14 -4.42 -12.20
N PHE A 276 15.96 -4.60 -11.17
CA PHE A 276 16.43 -3.50 -10.33
C PHE A 276 17.09 -2.41 -11.15
N ASN A 277 18.02 -2.81 -12.01
CA ASN A 277 18.76 -1.79 -12.80
C ASN A 277 17.83 -1.04 -13.75
N GLU A 278 16.88 -1.75 -14.32
CA GLU A 278 15.92 -1.14 -15.24
C GLU A 278 15.02 -0.13 -14.55
N LEU A 279 14.63 -0.46 -13.33
CA LEU A 279 13.79 0.38 -12.52
C LEU A 279 14.46 1.68 -12.24
N ARG A 280 15.77 1.59 -12.01
CA ARG A 280 16.56 2.76 -11.70
C ARG A 280 16.86 3.61 -12.92
N GLN A 281 17.05 2.96 -14.07
CA GLN A 281 17.66 3.58 -15.27
C GLN A 281 16.69 3.96 -16.38
N VAL A 282 15.55 3.31 -16.46
CA VAL A 282 14.64 3.60 -17.59
C VAL A 282 13.53 4.58 -17.22
N PRO A 283 13.55 5.80 -17.80
CA PRO A 283 12.45 6.71 -17.41
C PRO A 283 11.04 6.16 -17.79
N GLY A 284 10.06 6.38 -16.90
CA GLY A 284 8.69 5.94 -17.14
C GLY A 284 8.54 4.41 -17.15
N TYR A 285 9.56 3.74 -16.65
CA TYR A 285 9.53 2.29 -16.51
C TYR A 285 8.35 1.89 -15.68
N ARG A 286 7.66 0.85 -16.12
CA ARG A 286 6.52 0.31 -15.40
C ARG A 286 6.56 -1.20 -15.45
N LEU A 287 6.10 -1.82 -14.36
CA LEU A 287 5.93 -3.27 -14.25
C LEU A 287 4.56 -3.60 -13.76
N SER A 288 3.88 -4.51 -14.42
CA SER A 288 2.62 -5.04 -13.94
C SER A 288 2.87 -6.07 -12.86
N GLY A 289 2.46 -5.73 -11.64
CA GLY A 289 2.62 -6.57 -10.49
C GLY A 289 1.32 -7.02 -9.85
N LEU A 290 1.43 -7.93 -8.91
CA LEU A 290 0.24 -8.38 -8.16
C LEU A 290 -0.26 -7.29 -7.23
N THR A 291 0.62 -6.34 -6.91
CA THR A 291 0.23 -5.27 -5.95
C THR A 291 -0.04 -3.92 -6.59
N GLY A 292 -0.05 -3.90 -7.91
CA GLY A 292 -0.36 -2.71 -8.68
C GLY A 292 0.54 -2.61 -9.92
N ILE A 293 0.33 -1.55 -10.71
CA ILE A 293 1.29 -1.17 -11.75
C ILE A 293 2.41 -0.40 -11.02
N LEU A 294 3.62 -0.94 -11.06
CA LEU A 294 4.76 -0.45 -10.29
C LEU A 294 5.63 0.47 -11.11
N SER A 295 6.03 1.60 -10.51
CA SER A 295 6.97 2.48 -11.13
C SER A 295 7.84 3.11 -10.05
N ALA A 296 8.88 3.79 -10.46
CA ALA A 296 9.86 4.36 -9.52
C ALA A 296 9.93 5.85 -9.71
N ASP A 297 9.88 6.56 -8.59
CA ASP A 297 10.07 8.03 -8.65
C ASP A 297 11.55 8.39 -8.61
N THR A 298 11.84 9.67 -8.49
CA THR A 298 13.22 10.15 -8.67
C THR A 298 14.14 9.61 -7.58
N ASN A 299 13.60 9.33 -6.40
CA ASN A 299 14.38 8.76 -5.31
C ASN A 299 14.36 7.22 -5.28
N CYS A 300 13.87 6.63 -6.37
CA CYS A 300 13.67 5.16 -6.51
C CYS A 300 12.78 4.62 -5.39
N ASN A 301 11.77 5.39 -5.04
CA ASN A 301 10.65 4.88 -4.26
C ASN A 301 9.66 4.29 -5.25
N VAL A 302 9.25 3.06 -5.01
CA VAL A 302 8.37 2.36 -5.93
C VAL A 302 6.95 2.79 -5.62
N GLU A 303 6.29 3.35 -6.63
CA GLU A 303 4.90 3.73 -6.46
C GLU A 303 3.98 2.67 -7.11
N ARG A 304 2.71 2.68 -6.71
CA ARG A 304 1.73 1.69 -7.20
C ARG A 304 0.46 2.33 -7.68
N ASP A 305 0.12 2.02 -8.92
N ASP A 305 0.11 2.03 -8.91
CA ASP A 305 -1.19 2.31 -9.54
CA ASP A 305 -1.21 2.41 -9.40
C ASP A 305 -2.21 1.27 -9.15
C ASP A 305 -2.17 1.28 -9.08
N THR A 307 -5.92 -0.78 -8.28
CA THR A 307 -7.16 -1.20 -8.90
C THR A 307 -8.33 -0.69 -8.05
N TRP A 308 -9.44 -0.32 -8.69
CA TRP A 308 -10.60 0.15 -7.98
C TRP A 308 -11.71 -0.90 -8.03
N TYR A 309 -12.36 -1.02 -6.88
CA TYR A 309 -13.46 -1.91 -6.60
C TYR A 309 -14.65 -1.13 -6.05
N GLN A 310 -15.84 -1.70 -6.15
CA GLN A 310 -17.05 -0.97 -5.67
C GLN A 310 -18.04 -1.94 -5.08
N TYR A 311 -18.66 -1.54 -3.98
CA TYR A 311 -19.81 -2.26 -3.44
C TYR A 311 -21.01 -1.96 -4.33
N GLN A 312 -21.60 -2.99 -4.92
CA GLN A 312 -22.72 -2.80 -5.86
C GLN A 312 -23.77 -3.90 -5.75
N ASP A 313 -24.94 -3.53 -5.24
CA ASP A 313 -26.08 -4.44 -5.22
C ASP A 313 -25.71 -5.81 -4.66
N GLY A 314 -25.04 -5.79 -3.51
CA GLY A 314 -24.78 -7.01 -2.74
C GLY A 314 -23.47 -7.69 -3.04
N ALA A 315 -22.73 -7.14 -4.00
CA ALA A 315 -21.46 -7.74 -4.38
C ALA A 315 -20.33 -6.70 -4.43
N ILE A 316 -19.10 -7.18 -4.36
CA ILE A 316 -17.93 -6.33 -4.61
C ILE A 316 -17.41 -6.63 -6.01
N VAL A 317 -17.37 -5.61 -6.83
CA VAL A 317 -17.03 -5.73 -8.25
C VAL A 317 -15.93 -4.76 -8.68
N PRO A 318 -15.04 -5.21 -9.55
CA PRO A 318 -14.04 -4.29 -10.05
C PRO A 318 -14.71 -3.20 -10.84
N VAL A 319 -14.21 -1.98 -10.70
CA VAL A 319 -14.75 -0.83 -11.41
C VAL A 319 -14.33 -0.89 -12.86
N VAL A 320 -15.27 -0.60 -13.75
CA VAL A 320 -14.99 -0.59 -15.18
C VAL A 320 -14.62 0.81 -15.63
#